data_2GH4
#
_entry.id   2GH4
#
_cell.length_a   91.879
_cell.length_b   91.879
_cell.length_c   178.724
_cell.angle_alpha   90.00
_cell.angle_beta   90.00
_cell.angle_gamma   120.00
#
_symmetry.space_group_name_H-M   'P 61 2 2'
#
loop_
_entity.id
_entity.type
_entity.pdbx_description
1 polymer 'Putative glycosyl hydrolase yteR'
2 branched '2,6-anhydro-3-deoxy-L-threo-hex-2-enonic acid-(1-2)-alpha-L-rhamnopyranose'
3 water water
#
_entity_poly.entity_id   1
_entity_poly.type   'polypeptide(L)'
_entity_poly.pdbx_seq_one_letter_code
;KSPLTYAEALANTIMNTYTVEELPPANRWHYHQGVFLCGVLRLWEATGEKRYFEYAKAYADLLIDDNGNLLFRRDELDAI
QAGLILFPLYEQTKDERYVKAAKRLRSLYGTLNRTSEGGFWHKDGYPYQMWLNGLYMGGPFALKYANLKQETELFDQVVL
QESLMRKHTKDAKTGLFYHAWDEAKKMPWANEETGCSPEFWARSIGWYVMSLADMIEELPKKHPNRHVWKNTLQDMIKSI
CRYQDKETGLWYQIVDKGDRSDNWLESSGSCLYMYAIAKGINKGYLDRAYETTLLKAYQGLIQHKTETSEDGAFLVKDIC
VGTSAGFYDYYVSRERSTNDLHGAGAFILAMTELEPLFRSAGK
;
_entity_poly.pdbx_strand_id   A
#
# COMPACT_ATOMS: atom_id res chain seq x y z
N LYS A 1 4.97 3.57 24.00
CA LYS A 1 5.53 4.13 22.74
C LYS A 1 6.23 3.11 21.86
N SER A 2 6.10 1.83 22.19
CA SER A 2 6.71 0.80 21.34
C SER A 2 5.75 0.69 20.15
N PRO A 3 6.30 0.60 18.92
CA PRO A 3 5.47 0.48 17.72
C PRO A 3 4.26 -0.45 17.82
N LEU A 4 4.48 -1.69 18.25
CA LEU A 4 3.38 -2.64 18.36
C LEU A 4 2.28 -2.22 19.33
N THR A 5 2.62 -1.42 20.34
CA THR A 5 1.63 -0.98 21.30
C THR A 5 0.58 -0.12 20.58
N TYR A 6 1.05 0.80 19.74
CA TYR A 6 0.15 1.67 18.98
C TYR A 6 -0.62 0.85 17.94
N ALA A 7 0.07 -0.12 17.34
CA ALA A 7 -0.54 -0.97 16.33
C ALA A 7 -1.73 -1.73 16.91
N GLU A 8 -1.57 -2.26 18.10
CA GLU A 8 -2.66 -2.98 18.73
C GLU A 8 -3.75 -2.00 19.17
N ALA A 9 -3.35 -0.84 19.66
CA ALA A 9 -4.33 0.14 20.09
C ALA A 9 -5.26 0.50 18.93
N LEU A 10 -4.67 0.84 17.78
CA LEU A 10 -5.47 1.19 16.61
C LEU A 10 -6.29 0.02 16.10
N ALA A 11 -5.67 -1.16 16.05
CA ALA A 11 -6.37 -2.34 15.56
C ALA A 11 -7.62 -2.64 16.39
N ASN A 12 -7.47 -2.63 17.71
CA ASN A 12 -8.59 -2.91 18.59
C ASN A 12 -9.68 -1.84 18.45
N THR A 13 -9.26 -0.59 18.25
CA THR A 13 -10.22 0.49 18.10
C THR A 13 -11.08 0.28 16.84
N ILE A 14 -10.44 -0.13 15.75
CA ILE A 14 -11.16 -0.36 14.50
C ILE A 14 -12.09 -1.55 14.65
N MET A 15 -11.58 -2.64 15.20
CA MET A 15 -12.39 -3.85 15.40
C MET A 15 -13.57 -3.59 16.33
N ASN A 16 -13.41 -2.69 17.29
CA ASN A 16 -14.52 -2.39 18.19
C ASN A 16 -15.51 -1.47 17.49
N THR A 17 -15.00 -0.73 16.50
CA THR A 17 -15.83 0.19 15.73
C THR A 17 -16.72 -0.51 14.70
N TYR A 18 -16.20 -1.57 14.09
CA TYR A 18 -16.93 -2.30 13.06
C TYR A 18 -16.89 -3.80 13.24
N THR A 19 -18.03 -4.45 13.06
CA THR A 19 -18.06 -5.90 13.10
C THR A 19 -17.53 -6.17 11.70
N VAL A 20 -17.23 -7.41 11.35
CA VAL A 20 -16.72 -7.66 10.00
C VAL A 20 -17.82 -7.37 8.97
N GLU A 21 -19.08 -7.35 9.42
CA GLU A 21 -20.19 -7.08 8.52
C GLU A 21 -20.30 -5.57 8.25
N GLU A 22 -19.70 -4.78 9.13
CA GLU A 22 -19.72 -3.33 8.99
C GLU A 22 -18.45 -2.74 8.40
N LEU A 23 -17.33 -3.46 8.54
CA LEU A 23 -16.03 -3.01 8.02
C LEU A 23 -16.28 -2.46 6.61
N PRO A 24 -16.18 -1.14 6.43
CA PRO A 24 -16.39 -0.39 5.19
C PRO A 24 -15.42 -0.52 4.02
N PRO A 25 -15.96 -0.63 2.79
CA PRO A 25 -17.39 -0.64 2.46
C PRO A 25 -18.06 -1.94 2.90
N ALA A 26 -19.08 -1.83 3.74
CA ALA A 26 -19.80 -2.99 4.27
C ALA A 26 -20.18 -4.06 3.26
N ASN A 27 -19.94 -5.31 3.63
CA ASN A 27 -20.22 -6.48 2.81
C ASN A 27 -19.70 -6.43 1.37
N ARG A 28 -18.53 -5.82 1.20
CA ARG A 28 -17.91 -5.73 -0.12
C ARG A 28 -16.46 -6.19 0.01
N TRP A 29 -15.98 -6.93 -1.00
CA TRP A 29 -14.60 -7.39 -1.04
C TRP A 29 -13.89 -6.20 -1.69
N HIS A 30 -13.06 -5.50 -0.93
CA HIS A 30 -12.40 -4.31 -1.45
C HIS A 30 -11.03 -4.09 -0.79
N TYR A 31 -10.17 -3.30 -1.42
CA TYR A 31 -8.83 -3.10 -0.87
C TYR A 31 -8.78 -2.27 0.43
N HIS A 32 -9.86 -1.55 0.74
CA HIS A 32 -9.91 -0.77 1.98
C HIS A 32 -9.71 -1.76 3.13
N GLN A 33 -10.55 -2.79 3.17
CA GLN A 33 -10.46 -3.81 4.20
C GLN A 33 -9.22 -4.67 3.95
N GLY A 34 -8.90 -4.87 2.68
CA GLY A 34 -7.74 -5.67 2.33
C GLY A 34 -6.47 -5.15 2.98
N VAL A 35 -6.18 -3.87 2.85
CA VAL A 35 -4.96 -3.31 3.43
C VAL A 35 -5.01 -3.30 4.95
N PHE A 36 -6.18 -2.99 5.52
CA PHE A 36 -6.31 -2.99 6.96
C PHE A 36 -6.08 -4.40 7.48
N LEU A 37 -6.71 -5.38 6.84
CA LEU A 37 -6.56 -6.76 7.30
C LEU A 37 -5.16 -7.33 7.05
N CYS A 38 -4.45 -6.79 6.07
CA CYS A 38 -3.09 -7.25 5.84
C CYS A 38 -2.32 -6.79 7.07
N GLY A 39 -2.64 -5.59 7.52
CA GLY A 39 -2.00 -5.03 8.71
C GLY A 39 -2.33 -5.86 9.94
N VAL A 40 -3.61 -6.20 10.08
CA VAL A 40 -4.08 -7.00 11.20
C VAL A 40 -3.44 -8.40 11.24
N LEU A 41 -3.27 -9.02 10.08
CA LEU A 41 -2.66 -10.36 10.02
C LEU A 41 -1.16 -10.31 10.29
N ARG A 42 -0.54 -9.18 9.97
CA ARG A 42 0.89 -8.94 10.17
C ARG A 42 1.09 -8.76 11.67
N LEU A 43 0.14 -8.08 12.31
CA LEU A 43 0.17 -7.84 13.75
C LEU A 43 0.00 -9.19 14.45
N TRP A 44 -0.82 -10.05 13.87
CA TRP A 44 -1.08 -11.39 14.42
C TRP A 44 0.20 -12.19 14.50
N GLU A 45 0.96 -12.20 13.41
CA GLU A 45 2.21 -12.92 13.35
C GLU A 45 3.23 -12.34 14.33
N ALA A 46 3.13 -11.03 14.58
CA ALA A 46 4.05 -10.35 15.48
C ALA A 46 3.71 -10.50 16.97
N THR A 47 2.44 -10.72 17.29
CA THR A 47 2.04 -10.86 18.69
C THR A 47 1.52 -12.24 19.04
N GLY A 48 0.96 -12.94 18.05
CA GLY A 48 0.43 -14.27 18.29
C GLY A 48 -0.99 -14.23 18.85
N GLU A 49 -1.56 -13.04 18.97
CA GLU A 49 -2.92 -12.88 19.49
C GLU A 49 -3.94 -13.40 18.47
N LYS A 50 -4.52 -14.55 18.77
CA LYS A 50 -5.50 -15.19 17.89
C LYS A 50 -6.69 -14.34 17.42
N ARG A 51 -7.08 -13.31 18.18
CA ARG A 51 -8.23 -12.55 17.72
C ARG A 51 -7.98 -11.69 16.49
N TYR A 52 -6.72 -11.37 16.22
CA TYR A 52 -6.40 -10.58 15.04
C TYR A 52 -6.60 -11.51 13.85
N PHE A 53 -6.15 -12.75 13.99
CA PHE A 53 -6.29 -13.75 12.95
C PHE A 53 -7.76 -14.04 12.71
N GLU A 54 -8.49 -14.27 13.80
CA GLU A 54 -9.91 -14.58 13.72
C GLU A 54 -10.76 -13.47 13.10
N TYR A 55 -10.43 -12.21 13.39
CA TYR A 55 -11.17 -11.10 12.83
C TYR A 55 -11.00 -11.06 11.31
N ALA A 56 -9.75 -11.24 10.86
CA ALA A 56 -9.46 -11.23 9.43
C ALA A 56 -10.15 -12.40 8.75
N LYS A 57 -10.12 -13.56 9.39
CA LYS A 57 -10.75 -14.76 8.85
C LYS A 57 -12.27 -14.56 8.78
N ALA A 58 -12.81 -13.83 9.75
CA ALA A 58 -14.24 -13.56 9.79
C ALA A 58 -14.69 -12.78 8.57
N TYR A 59 -13.89 -11.78 8.19
CA TYR A 59 -14.21 -10.97 7.01
C TYR A 59 -14.11 -11.82 5.74
N ALA A 60 -13.07 -12.65 5.66
CA ALA A 60 -12.89 -13.50 4.50
C ALA A 60 -14.07 -14.47 4.37
N ASP A 61 -14.47 -15.05 5.50
CA ASP A 61 -15.59 -16.00 5.49
C ASP A 61 -16.93 -15.35 5.24
N LEU A 62 -17.05 -14.05 5.48
CA LEU A 62 -18.30 -13.36 5.21
C LEU A 62 -18.50 -13.25 3.70
N LEU A 63 -17.39 -13.08 2.97
CA LEU A 63 -17.44 -12.90 1.53
C LEU A 63 -17.14 -14.13 0.67
N ILE A 64 -16.51 -15.14 1.25
CA ILE A 64 -16.17 -16.35 0.52
C ILE A 64 -17.01 -17.51 1.04
N ASP A 65 -17.82 -18.11 0.18
CA ASP A 65 -18.68 -19.21 0.63
C ASP A 65 -18.00 -20.56 0.70
N ASP A 66 -18.77 -21.59 1.04
CA ASP A 66 -18.24 -22.95 1.18
C ASP A 66 -17.54 -23.47 -0.05
N ASN A 67 -17.83 -22.90 -1.22
CA ASN A 67 -17.19 -23.38 -2.44
C ASN A 67 -16.12 -22.45 -2.99
N GLY A 68 -15.75 -21.45 -2.19
CA GLY A 68 -14.72 -20.53 -2.61
C GLY A 68 -15.23 -19.42 -3.53
N ASN A 69 -16.55 -19.29 -3.61
CA ASN A 69 -17.17 -18.26 -4.45
C ASN A 69 -17.05 -16.90 -3.81
N LEU A 70 -16.80 -15.90 -4.63
CA LEU A 70 -16.61 -14.54 -4.15
C LEU A 70 -17.13 -13.53 -5.16
N LEU A 71 -17.77 -12.47 -4.66
CA LEU A 71 -18.26 -11.41 -5.52
C LEU A 71 -17.25 -10.29 -5.43
N PHE A 72 -16.86 -9.73 -6.56
CA PHE A 72 -15.89 -8.64 -6.56
C PHE A 72 -15.97 -7.83 -7.85
N ARG A 73 -15.39 -6.63 -7.83
CA ARG A 73 -15.37 -5.75 -9.00
C ARG A 73 -14.40 -6.33 -10.01
N ARG A 74 -14.97 -7.03 -11.00
CA ARG A 74 -14.21 -7.74 -12.02
C ARG A 74 -13.33 -6.97 -13.01
N ASP A 75 -13.42 -5.65 -13.02
CA ASP A 75 -12.60 -4.89 -13.95
C ASP A 75 -11.52 -4.08 -13.23
N GLU A 76 -11.39 -4.26 -11.93
CA GLU A 76 -10.43 -3.46 -11.17
C GLU A 76 -9.23 -4.19 -10.59
N LEU A 77 -8.06 -3.58 -10.70
CA LEU A 77 -6.87 -4.13 -10.09
C LEU A 77 -7.16 -4.07 -8.60
N ASP A 78 -7.90 -3.02 -8.20
CA ASP A 78 -8.28 -2.78 -6.80
C ASP A 78 -8.92 -4.00 -6.12
N ALA A 79 -9.60 -4.82 -6.90
CA ALA A 79 -10.29 -6.00 -6.38
C ALA A 79 -9.34 -7.12 -5.98
N ILE A 80 -8.15 -7.12 -6.57
CA ILE A 80 -7.17 -8.16 -6.32
C ILE A 80 -6.40 -8.03 -5.00
N GLN A 81 -6.19 -6.80 -4.56
CA GLN A 81 -5.42 -6.55 -3.35
C GLN A 81 -5.83 -7.34 -2.11
N ALA A 82 -7.13 -7.40 -1.82
CA ALA A 82 -7.58 -8.12 -0.63
C ALA A 82 -7.18 -9.60 -0.69
N GLY A 83 -6.88 -10.08 -1.89
CA GLY A 83 -6.47 -11.48 -2.04
C GLY A 83 -5.22 -11.80 -1.24
N LEU A 84 -4.46 -10.77 -0.89
CA LEU A 84 -3.25 -10.96 -0.09
C LEU A 84 -3.54 -11.61 1.26
N ILE A 85 -4.74 -11.40 1.81
CA ILE A 85 -5.06 -12.00 3.09
C ILE A 85 -5.30 -13.49 2.98
N LEU A 86 -5.56 -13.97 1.77
CA LEU A 86 -5.83 -15.39 1.55
C LEU A 86 -4.61 -16.30 1.77
N PHE A 87 -3.41 -15.78 1.55
CA PHE A 87 -2.21 -16.59 1.73
C PHE A 87 -1.96 -16.98 3.18
N PRO A 88 -1.95 -16.02 4.12
CA PRO A 88 -1.72 -16.42 5.51
C PRO A 88 -2.89 -17.25 6.07
N LEU A 89 -4.10 -16.99 5.57
CA LEU A 89 -5.27 -17.73 6.04
C LEU A 89 -5.22 -19.18 5.57
N TYR A 90 -4.75 -19.39 4.35
CA TYR A 90 -4.63 -20.73 3.82
C TYR A 90 -3.49 -21.47 4.50
N GLU A 91 -2.37 -20.80 4.66
CA GLU A 91 -1.18 -21.37 5.29
C GLU A 91 -1.47 -21.85 6.71
N GLN A 92 -2.40 -21.19 7.39
CA GLN A 92 -2.73 -21.54 8.76
C GLN A 92 -3.87 -22.55 8.88
N THR A 93 -4.79 -22.55 7.91
CA THR A 93 -5.93 -23.46 7.98
C THR A 93 -5.91 -24.60 6.96
N LYS A 94 -5.24 -24.38 5.84
CA LYS A 94 -5.18 -25.37 4.77
C LYS A 94 -6.57 -25.55 4.15
N ASP A 95 -7.45 -24.58 4.39
CA ASP A 95 -8.80 -24.61 3.84
C ASP A 95 -8.74 -24.20 2.37
N GLU A 96 -9.02 -25.15 1.48
CA GLU A 96 -8.97 -24.87 0.04
C GLU A 96 -9.92 -23.78 -0.45
N ARG A 97 -10.87 -23.37 0.38
CA ARG A 97 -11.78 -22.29 0.01
C ARG A 97 -10.97 -21.03 -0.31
N TYR A 98 -9.92 -20.79 0.46
CA TYR A 98 -9.09 -19.61 0.26
C TYR A 98 -8.23 -19.69 -1.01
N VAL A 99 -7.77 -20.89 -1.35
CA VAL A 99 -6.98 -21.05 -2.57
C VAL A 99 -7.89 -20.93 -3.78
N LYS A 100 -9.13 -21.39 -3.65
CA LYS A 100 -10.09 -21.29 -4.73
C LYS A 100 -10.45 -19.82 -4.99
N ALA A 101 -10.59 -19.06 -3.91
CA ALA A 101 -10.93 -17.64 -4.05
C ALA A 101 -9.77 -16.92 -4.70
N ALA A 102 -8.56 -17.25 -4.26
CA ALA A 102 -7.36 -16.63 -4.80
C ALA A 102 -7.22 -16.90 -6.29
N LYS A 103 -7.60 -18.10 -6.72
CA LYS A 103 -7.52 -18.45 -8.13
C LYS A 103 -8.49 -17.63 -8.98
N ARG A 104 -9.64 -17.28 -8.40
CA ARG A 104 -10.61 -16.49 -9.14
C ARG A 104 -10.02 -15.10 -9.40
N LEU A 105 -9.31 -14.57 -8.40
CA LEU A 105 -8.69 -13.25 -8.51
C LEU A 105 -7.51 -13.28 -9.45
N ARG A 106 -6.70 -14.32 -9.37
CA ARG A 106 -5.53 -14.49 -10.22
C ARG A 106 -5.96 -14.65 -11.67
N SER A 107 -7.12 -15.26 -11.90
CA SER A 107 -7.59 -15.46 -13.25
C SER A 107 -8.01 -14.16 -13.92
N LEU A 108 -8.15 -13.10 -13.14
CA LEU A 108 -8.53 -11.79 -13.67
C LEU A 108 -7.49 -11.18 -14.62
N TYR A 109 -6.21 -11.37 -14.30
CA TYR A 109 -5.16 -10.79 -15.12
C TYR A 109 -5.35 -11.02 -16.63
N GLY A 110 -5.79 -12.22 -17.00
CA GLY A 110 -5.98 -12.51 -18.40
C GLY A 110 -7.20 -11.86 -19.04
N THR A 111 -8.10 -11.31 -18.22
CA THR A 111 -9.31 -10.67 -18.73
C THR A 111 -9.21 -9.15 -18.84
N LEU A 112 -8.20 -8.58 -18.19
CA LEU A 112 -8.03 -7.12 -18.19
C LEU A 112 -7.46 -6.52 -19.45
N ASN A 113 -7.92 -5.32 -19.77
CA ASN A 113 -7.46 -4.61 -20.94
C ASN A 113 -6.09 -4.01 -20.63
N ARG A 114 -5.31 -3.73 -21.67
CA ARG A 114 -3.97 -3.19 -21.49
C ARG A 114 -3.58 -2.07 -22.44
N THR A 115 -2.49 -1.38 -22.11
CA THR A 115 -1.96 -0.32 -22.95
C THR A 115 -1.18 -1.05 -24.05
N SER A 116 -0.75 -0.33 -25.07
CA SER A 116 -0.03 -0.93 -26.20
C SER A 116 1.21 -1.74 -25.79
N GLU A 117 1.82 -1.39 -24.66
CA GLU A 117 3.01 -2.11 -24.20
C GLU A 117 2.67 -3.24 -23.23
N GLY A 118 1.38 -3.37 -22.90
CA GLY A 118 0.96 -4.43 -22.00
C GLY A 118 0.66 -4.05 -20.57
N GLY A 119 0.67 -2.75 -20.26
CA GLY A 119 0.38 -2.31 -18.91
C GLY A 119 -1.12 -2.38 -18.65
N PHE A 120 -1.52 -2.94 -17.51
CA PHE A 120 -2.95 -3.07 -17.20
C PHE A 120 -3.64 -1.72 -17.03
N TRP A 121 -4.85 -1.61 -17.56
CA TRP A 121 -5.63 -0.39 -17.38
C TRP A 121 -5.93 -0.44 -15.89
N HIS A 122 -6.00 0.70 -15.22
CA HIS A 122 -6.29 0.67 -13.80
C HIS A 122 -7.67 0.04 -13.57
N LYS A 123 -8.61 0.38 -14.45
CA LYS A 123 -9.98 -0.13 -14.42
C LYS A 123 -10.55 0.01 -15.84
N ASP A 124 -11.65 -0.67 -16.14
CA ASP A 124 -12.27 -0.54 -17.46
C ASP A 124 -12.69 0.92 -17.68
N GLY A 125 -13.11 1.57 -16.59
CA GLY A 125 -13.56 2.95 -16.66
C GLY A 125 -12.44 3.96 -16.82
N TYR A 126 -11.20 3.47 -16.81
CA TYR A 126 -10.03 4.34 -16.97
C TYR A 126 -9.17 3.75 -18.08
N PRO A 127 -9.71 3.71 -19.32
CA PRO A 127 -8.98 3.16 -20.47
C PRO A 127 -7.59 3.75 -20.73
N TYR A 128 -6.62 2.86 -20.89
CA TYR A 128 -5.23 3.23 -21.18
C TYR A 128 -4.51 4.03 -20.10
N GLN A 129 -5.04 4.00 -18.89
CA GLN A 129 -4.45 4.72 -17.78
C GLN A 129 -3.82 3.80 -16.76
N MET A 130 -2.54 4.03 -16.45
CA MET A 130 -1.84 3.27 -15.43
C MET A 130 -1.65 4.20 -14.23
N TRP A 131 -2.12 3.77 -13.07
CA TRP A 131 -1.98 4.55 -11.82
C TRP A 131 -0.98 3.82 -10.92
N LEU A 132 -0.10 4.56 -10.25
CA LEU A 132 0.90 3.96 -9.37
C LEU A 132 0.28 2.99 -8.36
N ASN A 133 -0.87 3.38 -7.79
CA ASN A 133 -1.58 2.57 -6.81
C ASN A 133 -1.73 1.13 -7.29
N GLY A 134 -1.92 0.97 -8.60
CA GLY A 134 -2.11 -0.34 -9.19
C GLY A 134 -0.98 -1.33 -8.96
N LEU A 135 0.23 -0.85 -8.75
CA LEU A 135 1.35 -1.75 -8.52
C LEU A 135 1.12 -2.54 -7.22
N TYR A 136 0.62 -1.86 -6.20
CA TYR A 136 0.36 -2.54 -4.94
C TYR A 136 -0.89 -3.40 -5.03
N MET A 137 -1.91 -2.90 -5.71
CA MET A 137 -3.16 -3.64 -5.83
C MET A 137 -2.96 -4.99 -6.53
N GLY A 138 -2.20 -5.00 -7.62
CA GLY A 138 -2.01 -6.25 -8.35
C GLY A 138 -0.62 -6.89 -8.37
N GLY A 139 0.39 -6.18 -7.91
CA GLY A 139 1.75 -6.72 -7.91
C GLY A 139 2.03 -7.80 -6.87
N PRO A 140 2.08 -7.46 -5.58
CA PRO A 140 2.34 -8.43 -4.51
C PRO A 140 1.50 -9.69 -4.59
N PHE A 141 0.20 -9.54 -4.86
CA PHE A 141 -0.66 -10.72 -4.97
C PHE A 141 -0.12 -11.69 -6.02
N ALA A 142 0.26 -11.15 -7.16
CA ALA A 142 0.77 -11.96 -8.27
C ALA A 142 2.00 -12.79 -7.90
N LEU A 143 2.92 -12.17 -7.16
CA LEU A 143 4.14 -12.84 -6.73
C LEU A 143 3.85 -13.90 -5.67
N LYS A 144 2.95 -13.59 -4.74
CA LYS A 144 2.59 -14.56 -3.71
C LYS A 144 1.98 -15.79 -4.38
N TYR A 145 1.13 -15.55 -5.38
CA TYR A 145 0.47 -16.63 -6.10
C TYR A 145 1.50 -17.41 -6.92
N ALA A 146 2.44 -16.69 -7.52
CA ALA A 146 3.47 -17.29 -8.34
C ALA A 146 4.23 -18.32 -7.51
N ASN A 147 4.52 -17.99 -6.25
CA ASN A 147 5.26 -18.90 -5.39
C ASN A 147 4.39 -20.05 -4.88
N LEU A 148 3.11 -19.78 -4.70
CA LEU A 148 2.18 -20.80 -4.20
C LEU A 148 1.85 -21.84 -5.27
N LYS A 149 1.74 -21.40 -6.52
CA LYS A 149 1.40 -22.31 -7.61
C LYS A 149 2.53 -22.53 -8.61
N GLN A 150 3.72 -22.03 -8.29
CA GLN A 150 4.87 -22.17 -9.17
C GLN A 150 4.54 -21.73 -10.60
N GLU A 151 3.95 -20.55 -10.71
CA GLU A 151 3.60 -20.01 -12.02
C GLU A 151 4.51 -18.82 -12.31
N THR A 152 5.67 -19.13 -12.91
CA THR A 152 6.67 -18.11 -13.22
C THR A 152 6.18 -17.01 -14.16
N GLU A 153 5.12 -17.29 -14.91
CA GLU A 153 4.57 -16.29 -15.83
C GLU A 153 4.27 -15.01 -15.06
N LEU A 154 3.84 -15.16 -13.82
CA LEU A 154 3.49 -14.03 -12.98
C LEU A 154 4.68 -13.15 -12.60
N PHE A 155 5.89 -13.72 -12.56
CA PHE A 155 7.07 -12.93 -12.25
C PHE A 155 7.30 -11.94 -13.38
N ASP A 156 7.24 -12.44 -14.62
CA ASP A 156 7.43 -11.60 -15.79
C ASP A 156 6.35 -10.52 -15.82
N GLN A 157 5.13 -10.90 -15.45
CA GLN A 157 4.00 -9.96 -15.44
C GLN A 157 4.29 -8.73 -14.58
N VAL A 158 4.66 -8.96 -13.32
CA VAL A 158 4.96 -7.89 -12.39
C VAL A 158 6.16 -7.07 -12.86
N VAL A 159 7.18 -7.76 -13.38
CA VAL A 159 8.36 -7.06 -13.87
C VAL A 159 7.95 -6.09 -14.97
N LEU A 160 7.08 -6.54 -15.87
CA LEU A 160 6.62 -5.68 -16.97
C LEU A 160 5.81 -4.49 -16.47
N GLN A 161 4.82 -4.77 -15.63
CA GLN A 161 3.97 -3.70 -15.10
C GLN A 161 4.81 -2.63 -14.41
N GLU A 162 5.73 -3.05 -13.55
CA GLU A 162 6.59 -2.12 -12.83
C GLU A 162 7.48 -1.31 -13.77
N SER A 163 8.07 -1.95 -14.77
CA SER A 163 8.94 -1.21 -15.68
C SER A 163 8.18 -0.18 -16.50
N LEU A 164 6.97 -0.54 -16.93
CA LEU A 164 6.16 0.38 -17.72
C LEU A 164 5.77 1.60 -16.89
N MET A 165 5.44 1.39 -15.62
CA MET A 165 5.06 2.49 -14.74
C MET A 165 6.22 3.45 -14.49
N ARG A 166 7.37 2.89 -14.13
CA ARG A 166 8.57 3.69 -13.87
C ARG A 166 9.00 4.45 -15.11
N LYS A 167 8.92 3.79 -16.25
CA LYS A 167 9.31 4.38 -17.52
C LYS A 167 8.48 5.62 -17.85
N HIS A 168 7.18 5.54 -17.60
CA HIS A 168 6.29 6.65 -17.93
C HIS A 168 5.97 7.68 -16.84
N THR A 169 6.16 7.33 -15.57
CA THR A 169 5.83 8.27 -14.49
C THR A 169 7.00 8.84 -13.68
N LYS A 170 8.18 8.24 -13.78
CA LYS A 170 9.33 8.72 -13.02
C LYS A 170 9.84 10.06 -13.52
N ASP A 171 9.97 11.02 -12.61
CA ASP A 171 10.47 12.35 -12.96
C ASP A 171 11.98 12.39 -12.75
N ALA A 172 12.72 12.67 -13.82
CA ALA A 172 14.17 12.73 -13.75
C ALA A 172 14.65 13.75 -12.73
N LYS A 173 14.10 14.95 -12.80
CA LYS A 173 14.48 16.03 -11.91
C LYS A 173 14.42 15.68 -10.42
N THR A 174 13.23 15.41 -9.91
CA THR A 174 13.05 15.11 -8.48
C THR A 174 13.24 13.67 -8.03
N GLY A 175 13.01 12.72 -8.94
CA GLY A 175 13.13 11.33 -8.56
C GLY A 175 11.78 10.77 -8.13
N LEU A 176 10.79 11.64 -8.05
CA LEU A 176 9.44 11.23 -7.67
C LEU A 176 8.68 10.73 -8.90
N PHE A 177 7.62 9.95 -8.67
CA PHE A 177 6.82 9.39 -9.76
C PHE A 177 5.44 10.06 -9.79
N TYR A 178 4.98 10.44 -10.98
CA TYR A 178 3.66 11.05 -11.10
C TYR A 178 2.58 10.00 -10.83
N HIS A 179 1.48 10.43 -10.21
CA HIS A 179 0.36 9.57 -9.83
C HIS A 179 -0.15 8.65 -10.94
N ALA A 180 -0.38 9.22 -12.12
CA ALA A 180 -0.93 8.43 -13.21
C ALA A 180 -0.40 8.79 -14.59
N TRP A 181 -0.59 7.86 -15.53
CA TRP A 181 -0.16 8.03 -16.91
C TRP A 181 -1.26 7.54 -17.84
N ASP A 182 -1.60 8.36 -18.82
CA ASP A 182 -2.64 8.01 -19.79
C ASP A 182 -2.01 7.89 -21.18
N GLU A 183 -1.81 6.66 -21.63
CA GLU A 183 -1.22 6.44 -22.95
C GLU A 183 -2.02 7.10 -24.07
N ALA A 184 -3.33 7.19 -23.88
CA ALA A 184 -4.20 7.79 -24.89
C ALA A 184 -4.19 9.32 -24.85
N LYS A 185 -3.71 9.88 -23.74
CA LYS A 185 -3.66 11.32 -23.58
C LYS A 185 -5.03 11.95 -23.75
N LYS A 186 -6.07 11.25 -23.30
CA LYS A 186 -7.43 11.75 -23.40
C LYS A 186 -7.92 12.42 -22.13
N MET A 187 -7.37 12.02 -20.98
CA MET A 187 -7.79 12.62 -19.72
C MET A 187 -7.34 14.07 -19.59
N PRO A 188 -8.15 14.91 -18.93
CA PRO A 188 -7.80 16.32 -18.75
C PRO A 188 -6.50 16.54 -17.98
N TRP A 189 -6.13 15.56 -17.16
CA TRP A 189 -4.89 15.67 -16.39
C TRP A 189 -3.67 15.14 -17.13
N ALA A 190 -3.88 14.54 -18.29
CA ALA A 190 -2.77 13.99 -19.06
C ALA A 190 -1.92 15.06 -19.74
N ASN A 191 -0.64 15.12 -19.37
CA ASN A 191 0.29 16.07 -19.96
C ASN A 191 0.32 15.80 -21.47
N GLU A 192 0.15 16.84 -22.28
CA GLU A 192 0.12 16.69 -23.73
C GLU A 192 1.36 16.02 -24.32
N GLU A 193 2.48 16.10 -23.62
CA GLU A 193 3.72 15.51 -24.10
C GLU A 193 4.05 14.15 -23.49
N THR A 194 3.94 14.05 -22.17
CA THR A 194 4.27 12.81 -21.47
C THR A 194 3.06 11.95 -21.16
N GLY A 195 1.90 12.59 -21.03
CA GLY A 195 0.68 11.86 -20.72
C GLY A 195 0.50 11.64 -19.23
N CYS A 196 1.42 12.20 -18.44
CA CYS A 196 1.38 12.05 -16.98
C CYS A 196 0.48 13.06 -16.29
N SER A 197 0.03 12.70 -15.10
CA SER A 197 -0.77 13.58 -14.27
C SER A 197 0.24 14.63 -13.79
N PRO A 198 -0.24 15.80 -13.33
CA PRO A 198 0.65 16.88 -12.89
C PRO A 198 1.34 16.85 -11.51
N GLU A 199 0.78 16.13 -10.55
CA GLU A 199 1.37 16.17 -9.21
C GLU A 199 1.93 14.87 -8.61
N PHE A 200 2.78 15.05 -7.61
CA PHE A 200 3.37 13.93 -6.87
C PHE A 200 2.51 13.81 -5.62
N TRP A 201 1.52 12.92 -5.68
CA TRP A 201 0.62 12.69 -4.55
C TRP A 201 1.21 11.60 -3.65
N ALA A 202 1.52 11.96 -2.41
CA ALA A 202 2.13 11.07 -1.44
C ALA A 202 1.72 9.60 -1.39
N ARG A 203 0.47 9.30 -1.06
CA ARG A 203 0.06 7.91 -0.98
C ARG A 203 0.32 7.08 -2.22
N SER A 204 0.08 7.63 -3.41
CA SER A 204 0.32 6.88 -4.63
C SER A 204 1.78 6.41 -4.68
N ILE A 205 2.71 7.30 -4.38
CA ILE A 205 4.13 6.93 -4.36
C ILE A 205 4.36 5.94 -3.22
N GLY A 206 3.65 6.15 -2.12
CA GLY A 206 3.76 5.27 -0.98
C GLY A 206 3.38 3.83 -1.32
N TRP A 207 2.32 3.65 -2.11
CA TRP A 207 1.88 2.32 -2.52
C TRP A 207 3.01 1.65 -3.31
N TYR A 208 3.64 2.45 -4.17
CA TYR A 208 4.73 1.99 -5.01
C TYR A 208 5.94 1.50 -4.22
N VAL A 209 6.43 2.32 -3.28
CA VAL A 209 7.60 1.91 -2.51
C VAL A 209 7.32 0.73 -1.58
N MET A 210 6.14 0.67 -0.99
CA MET A 210 5.84 -0.47 -0.14
C MET A 210 5.86 -1.72 -0.99
N SER A 211 5.40 -1.61 -2.24
CA SER A 211 5.38 -2.76 -3.16
C SER A 211 6.80 -3.27 -3.41
N LEU A 212 7.68 -2.38 -3.83
CA LEU A 212 9.07 -2.77 -4.10
C LEU A 212 9.68 -3.44 -2.86
N ALA A 213 9.49 -2.82 -1.70
CA ALA A 213 10.03 -3.33 -0.45
C ALA A 213 9.55 -4.73 -0.10
N ASP A 214 8.33 -5.06 -0.50
CA ASP A 214 7.77 -6.38 -0.21
C ASP A 214 7.98 -7.41 -1.29
N MET A 215 8.05 -6.98 -2.54
CA MET A 215 8.18 -7.90 -3.67
C MET A 215 9.56 -8.48 -3.95
N ILE A 216 10.61 -7.77 -3.55
CA ILE A 216 11.97 -8.24 -3.81
C ILE A 216 12.23 -9.66 -3.30
N GLU A 217 11.82 -9.94 -2.08
CA GLU A 217 12.01 -11.26 -1.46
C GLU A 217 11.17 -12.36 -2.07
N GLU A 218 10.18 -12.01 -2.90
CA GLU A 218 9.31 -12.99 -3.52
C GLU A 218 9.90 -13.49 -4.83
N LEU A 219 10.80 -12.72 -5.41
CA LEU A 219 11.45 -13.09 -6.66
C LEU A 219 12.34 -14.30 -6.44
N PRO A 220 12.56 -15.10 -7.49
CA PRO A 220 13.45 -16.25 -7.29
C PRO A 220 14.87 -15.72 -7.11
N LYS A 221 15.71 -16.48 -6.42
CA LYS A 221 17.09 -16.03 -6.20
C LYS A 221 17.78 -15.75 -7.53
N LYS A 222 18.64 -14.73 -7.55
CA LYS A 222 19.38 -14.35 -8.74
C LYS A 222 18.53 -13.65 -9.80
N HIS A 223 17.24 -13.51 -9.52
CA HIS A 223 16.37 -12.85 -10.50
C HIS A 223 16.90 -11.45 -10.81
N PRO A 224 16.92 -11.08 -12.09
CA PRO A 224 17.39 -9.77 -12.54
C PRO A 224 16.79 -8.59 -11.79
N ASN A 225 15.54 -8.71 -11.37
CA ASN A 225 14.89 -7.60 -10.68
C ASN A 225 15.17 -7.46 -9.21
N ARG A 226 15.88 -8.43 -8.63
CA ARG A 226 16.21 -8.30 -7.23
C ARG A 226 17.12 -7.08 -7.11
N HIS A 227 17.96 -6.88 -8.11
CA HIS A 227 18.85 -5.73 -8.11
C HIS A 227 18.18 -4.49 -8.70
N VAL A 228 17.35 -4.68 -9.72
CA VAL A 228 16.66 -3.57 -10.34
C VAL A 228 15.72 -2.89 -9.34
N TRP A 229 14.93 -3.68 -8.63
CA TRP A 229 14.00 -3.12 -7.65
C TRP A 229 14.70 -2.55 -6.42
N LYS A 230 15.76 -3.20 -5.95
CA LYS A 230 16.50 -2.67 -4.80
C LYS A 230 17.02 -1.29 -5.13
N ASN A 231 17.61 -1.15 -6.32
CA ASN A 231 18.18 0.12 -6.74
C ASN A 231 17.10 1.18 -6.96
N THR A 232 15.97 0.75 -7.52
CA THR A 232 14.86 1.65 -7.76
C THR A 232 14.34 2.18 -6.43
N LEU A 233 14.25 1.28 -5.45
CA LEU A 233 13.77 1.66 -4.12
C LEU A 233 14.73 2.64 -3.43
N GLN A 234 16.03 2.37 -3.52
CA GLN A 234 17.02 3.26 -2.91
C GLN A 234 16.89 4.67 -3.48
N ASP A 235 16.75 4.77 -4.79
CA ASP A 235 16.61 6.07 -5.44
C ASP A 235 15.32 6.78 -5.06
N MET A 236 14.22 6.03 -4.99
CA MET A 236 12.93 6.60 -4.62
C MET A 236 12.93 7.05 -3.18
N ILE A 237 13.49 6.23 -2.30
CA ILE A 237 13.55 6.59 -0.88
C ILE A 237 14.40 7.84 -0.73
N LYS A 238 15.53 7.89 -1.44
CA LYS A 238 16.40 9.06 -1.38
C LYS A 238 15.59 10.29 -1.78
N SER A 239 14.90 10.20 -2.92
CA SER A 239 14.09 11.30 -3.41
C SER A 239 13.04 11.72 -2.40
N ILE A 240 12.32 10.73 -1.87
CA ILE A 240 11.25 10.97 -0.90
C ILE A 240 11.71 11.65 0.39
N CYS A 241 12.81 11.17 0.96
CA CYS A 241 13.33 11.73 2.20
C CYS A 241 13.80 13.18 2.06
N ARG A 242 14.10 13.59 0.85
CA ARG A 242 14.54 14.96 0.59
C ARG A 242 13.39 15.92 0.88
N TYR A 243 12.16 15.40 0.89
CA TYR A 243 11.00 16.24 1.14
C TYR A 243 10.33 16.05 2.51
N GLN A 244 10.95 15.25 3.38
CA GLN A 244 10.41 15.03 4.71
C GLN A 244 10.30 16.38 5.45
N ASP A 245 9.23 16.55 6.22
CA ASP A 245 9.03 17.80 6.97
C ASP A 245 10.04 17.91 8.10
N LYS A 246 10.92 18.90 8.00
CA LYS A 246 11.97 19.10 8.99
C LYS A 246 11.41 19.25 10.40
N GLU A 247 10.28 19.93 10.52
CA GLU A 247 9.65 20.17 11.83
C GLU A 247 8.87 19.00 12.41
N THR A 248 8.05 18.33 11.61
CA THR A 248 7.26 17.21 12.09
C THR A 248 7.81 15.84 11.71
N GLY A 249 8.65 15.82 10.68
CA GLY A 249 9.22 14.55 10.24
C GLY A 249 8.24 13.80 9.34
N LEU A 250 7.11 14.44 9.01
CA LEU A 250 6.11 13.82 8.17
C LEU A 250 6.17 14.32 6.73
N TRP A 251 5.29 13.81 5.88
CA TRP A 251 5.27 14.20 4.48
C TRP A 251 3.93 14.85 4.08
N TYR A 252 3.99 15.72 3.08
CA TYR A 252 2.81 16.45 2.59
C TYR A 252 2.00 15.73 1.50
N GLN A 253 0.69 16.03 1.47
CA GLN A 253 -0.23 15.47 0.49
C GLN A 253 0.39 15.54 -0.89
N ILE A 254 0.95 16.70 -1.21
CA ILE A 254 1.64 16.90 -2.47
C ILE A 254 3.09 17.04 -1.99
N VAL A 255 3.82 15.93 -2.13
CA VAL A 255 5.19 15.80 -1.67
C VAL A 255 6.17 16.97 -1.81
N ASP A 256 6.31 17.47 -3.03
CA ASP A 256 7.27 18.54 -3.29
C ASP A 256 6.77 19.98 -3.13
N LYS A 257 5.62 20.17 -2.50
CA LYS A 257 5.11 21.54 -2.34
C LYS A 257 4.66 21.87 -0.92
N GLY A 258 5.51 21.51 0.05
CA GLY A 258 5.21 21.76 1.45
C GLY A 258 5.06 23.22 1.83
N ASP A 259 5.70 24.11 1.07
CA ASP A 259 5.64 25.55 1.37
C ASP A 259 4.24 26.13 1.18
N ARG A 260 3.52 25.62 0.18
CA ARG A 260 2.17 26.10 -0.11
C ARG A 260 1.28 25.96 1.11
N SER A 261 0.57 27.03 1.44
CA SER A 261 -0.30 27.04 2.61
C SER A 261 -1.56 26.17 2.48
N ASP A 262 -1.94 25.84 1.25
CA ASP A 262 -3.11 24.99 1.05
C ASP A 262 -2.75 23.51 1.10
N ASN A 263 -1.45 23.22 1.15
CA ASN A 263 -0.99 21.84 1.24
C ASN A 263 -1.09 21.45 2.72
N TRP A 264 -0.81 20.19 3.04
CA TRP A 264 -0.89 19.71 4.42
C TRP A 264 -0.19 18.36 4.59
N LEU A 265 0.12 18.01 5.83
CA LEU A 265 0.77 16.75 6.16
C LEU A 265 -0.26 15.63 6.18
N GLU A 266 -0.06 14.62 5.33
CA GLU A 266 -1.00 13.50 5.25
C GLU A 266 -0.42 12.26 5.93
N SER A 267 -1.25 11.58 6.71
CA SER A 267 -0.83 10.43 7.49
C SER A 267 -0.56 9.08 6.83
N SER A 268 -1.46 8.62 5.97
CA SER A 268 -1.28 7.32 5.32
C SER A 268 -0.03 7.27 4.44
N GLY A 269 0.23 8.35 3.70
CA GLY A 269 1.41 8.39 2.85
C GLY A 269 2.66 8.31 3.72
N SER A 270 2.72 9.13 4.77
CA SER A 270 3.84 9.13 5.69
C SER A 270 4.09 7.73 6.25
N CYS A 271 3.02 7.05 6.66
CA CYS A 271 3.13 5.72 7.19
C CYS A 271 3.65 4.71 6.17
N LEU A 272 3.24 4.86 4.92
CA LEU A 272 3.70 3.96 3.87
C LEU A 272 5.21 4.15 3.64
N TYR A 273 5.67 5.40 3.69
CA TYR A 273 7.09 5.66 3.51
C TYR A 273 7.83 5.03 4.70
N MET A 274 7.27 5.19 5.89
CA MET A 274 7.87 4.63 7.10
C MET A 274 7.99 3.12 6.95
N TYR A 275 6.95 2.50 6.36
CA TYR A 275 6.96 1.06 6.17
C TYR A 275 8.04 0.63 5.18
N ALA A 276 8.12 1.32 4.05
CA ALA A 276 9.10 0.98 3.02
C ALA A 276 10.53 1.18 3.51
N ILE A 277 10.74 2.22 4.31
CA ILE A 277 12.07 2.52 4.83
C ILE A 277 12.47 1.48 5.87
N ALA A 278 11.58 1.17 6.80
CA ALA A 278 11.85 0.19 7.83
C ALA A 278 12.08 -1.17 7.20
N LYS A 279 11.18 -1.53 6.29
CA LYS A 279 11.27 -2.80 5.57
C LYS A 279 12.59 -2.87 4.80
N GLY A 280 12.92 -1.78 4.13
CA GLY A 280 14.15 -1.71 3.34
C GLY A 280 15.39 -1.89 4.20
N ILE A 281 15.38 -1.28 5.37
CA ILE A 281 16.51 -1.39 6.30
C ILE A 281 16.63 -2.81 6.82
N ASN A 282 15.52 -3.40 7.25
CA ASN A 282 15.53 -4.76 7.79
C ASN A 282 16.00 -5.81 6.78
N LYS A 283 15.64 -5.61 5.51
CA LYS A 283 16.02 -6.56 4.48
C LYS A 283 17.40 -6.26 3.89
N GLY A 284 17.99 -5.13 4.29
CA GLY A 284 19.30 -4.77 3.78
C GLY A 284 19.29 -4.07 2.43
N TYR A 285 18.14 -3.53 2.03
CA TYR A 285 18.04 -2.83 0.77
C TYR A 285 18.43 -1.37 0.93
N LEU A 286 18.28 -0.85 2.14
CA LEU A 286 18.58 0.54 2.42
C LEU A 286 19.63 0.68 3.50
N ASP A 287 20.39 1.76 3.43
CA ASP A 287 21.43 2.01 4.41
C ASP A 287 20.77 2.23 5.77
N ARG A 288 21.34 1.60 6.80
CA ARG A 288 20.80 1.70 8.15
C ARG A 288 20.76 3.14 8.65
N ALA A 289 21.44 4.04 7.94
CA ALA A 289 21.48 5.45 8.31
C ALA A 289 20.09 6.08 8.24
N TYR A 290 19.19 5.45 7.50
CA TYR A 290 17.81 5.93 7.36
C TYR A 290 17.00 5.79 8.63
N GLU A 291 17.55 5.04 9.60
CA GLU A 291 16.86 4.81 10.87
C GLU A 291 16.49 6.12 11.58
N THR A 292 17.33 7.14 11.45
CA THR A 292 17.04 8.42 12.09
C THR A 292 15.83 9.07 11.45
N THR A 293 15.78 9.05 10.13
CA THR A 293 14.65 9.65 9.39
C THR A 293 13.38 8.94 9.82
N LEU A 294 13.47 7.62 9.95
CA LEU A 294 12.36 6.77 10.33
C LEU A 294 11.86 7.04 11.75
N LEU A 295 12.78 7.11 12.70
CA LEU A 295 12.42 7.36 14.09
C LEU A 295 11.88 8.79 14.27
N LYS A 296 12.33 9.70 13.43
CA LYS A 296 11.88 11.08 13.48
C LYS A 296 10.42 11.16 12.98
N ALA A 297 10.12 10.37 11.96
CA ALA A 297 8.76 10.35 11.40
C ALA A 297 7.82 9.71 12.40
N TYR A 298 8.28 8.65 13.05
CA TYR A 298 7.49 7.94 14.06
C TYR A 298 7.11 8.91 15.17
N GLN A 299 8.10 9.67 15.63
CA GLN A 299 7.89 10.65 16.69
C GLN A 299 6.82 11.67 16.28
N GLY A 300 6.99 12.25 15.09
CA GLY A 300 6.04 13.23 14.60
C GLY A 300 4.66 12.64 14.33
N LEU A 301 4.62 11.42 13.80
CA LEU A 301 3.36 10.76 13.52
C LEU A 301 2.52 10.67 14.79
N ILE A 302 3.06 10.01 15.81
CA ILE A 302 2.36 9.85 17.07
C ILE A 302 2.01 11.20 17.68
N GLN A 303 3.01 12.08 17.74
CA GLN A 303 2.84 13.41 18.33
C GLN A 303 1.81 14.33 17.66
N HIS A 304 1.88 14.45 16.34
CA HIS A 304 0.98 15.34 15.61
C HIS A 304 -0.26 14.73 14.96
N LYS A 305 -0.29 13.41 14.79
CA LYS A 305 -1.43 12.78 14.12
C LYS A 305 -2.24 11.77 14.91
N THR A 306 -1.84 11.50 16.14
CA THR A 306 -2.57 10.54 16.94
C THR A 306 -2.99 11.13 18.29
N GLU A 307 -4.04 10.53 18.85
CA GLU A 307 -4.56 10.93 20.15
C GLU A 307 -5.55 9.87 20.56
N THR A 308 -5.89 9.86 21.85
CA THR A 308 -6.85 8.90 22.38
C THR A 308 -8.07 9.69 22.79
N SER A 309 -9.25 9.22 22.40
CA SER A 309 -10.49 9.92 22.73
C SER A 309 -10.83 9.75 24.21
N GLU A 310 -11.75 10.58 24.68
CA GLU A 310 -12.19 10.54 26.06
C GLU A 310 -12.66 9.13 26.38
N ASP A 311 -13.20 8.46 25.36
CA ASP A 311 -13.72 7.11 25.49
C ASP A 311 -12.63 6.03 25.45
N GLY A 312 -11.41 6.42 25.09
CA GLY A 312 -10.32 5.46 25.03
C GLY A 312 -10.07 4.83 23.67
N ALA A 313 -10.50 5.51 22.61
CA ALA A 313 -10.29 5.01 21.25
C ALA A 313 -9.03 5.64 20.67
N PHE A 314 -8.17 4.82 20.06
CA PHE A 314 -6.95 5.34 19.47
C PHE A 314 -7.29 5.88 18.09
N LEU A 315 -6.98 7.16 17.86
CA LEU A 315 -7.31 7.80 16.60
C LEU A 315 -6.15 8.33 15.79
N VAL A 316 -6.16 8.03 14.49
CA VAL A 316 -5.14 8.54 13.57
C VAL A 316 -5.90 9.48 12.64
N LYS A 317 -5.54 10.76 12.68
CA LYS A 317 -6.22 11.75 11.84
C LYS A 317 -5.43 12.12 10.59
N ASP A 318 -6.03 12.99 9.79
CA ASP A 318 -5.43 13.48 8.56
C ASP A 318 -5.07 12.39 7.54
N ILE A 319 -5.95 11.40 7.44
CA ILE A 319 -5.80 10.32 6.48
C ILE A 319 -6.66 10.70 5.28
N CYS A 320 -6.02 10.85 4.12
CA CYS A 320 -6.74 11.21 2.90
C CYS A 320 -7.68 10.08 2.47
N VAL A 321 -8.92 10.44 2.13
CA VAL A 321 -9.90 9.43 1.69
C VAL A 321 -9.55 8.92 0.30
N GLY A 322 -10.28 7.91 -0.18
CA GLY A 322 -10.03 7.38 -1.51
C GLY A 322 -9.92 8.52 -2.51
N THR A 323 -8.89 8.49 -3.33
CA THR A 323 -8.65 9.57 -4.28
C THR A 323 -8.25 9.13 -5.68
N SER A 324 -8.72 9.89 -6.68
CA SER A 324 -8.46 9.61 -8.08
C SER A 324 -7.33 10.49 -8.61
N ALA A 325 -6.99 10.31 -9.89
CA ALA A 325 -5.95 11.10 -10.51
C ALA A 325 -6.51 12.49 -10.81
N GLY A 326 -5.70 13.52 -10.64
CA GLY A 326 -6.20 14.86 -10.90
C GLY A 326 -5.19 15.99 -10.86
N PHE A 327 -5.69 17.18 -10.53
CA PHE A 327 -4.87 18.38 -10.44
C PHE A 327 -4.55 18.74 -9.00
N TYR A 328 -3.60 19.66 -8.82
CA TYR A 328 -3.18 20.10 -7.50
C TYR A 328 -4.34 20.45 -6.57
N ASP A 329 -5.20 21.36 -7.02
CA ASP A 329 -6.33 21.80 -6.20
C ASP A 329 -7.25 20.68 -5.76
N TYR A 330 -7.38 19.65 -6.60
CA TYR A 330 -8.21 18.49 -6.28
C TYR A 330 -7.57 17.70 -5.14
N TYR A 331 -6.26 17.46 -5.25
CA TYR A 331 -5.52 16.72 -4.23
C TYR A 331 -5.57 17.38 -2.84
N VAL A 332 -5.20 18.66 -2.76
CA VAL A 332 -5.19 19.31 -1.46
C VAL A 332 -6.59 19.49 -0.87
N SER A 333 -7.62 19.40 -1.70
CA SER A 333 -9.00 19.55 -1.23
C SER A 333 -9.62 18.24 -0.76
N ARG A 334 -8.89 17.14 -0.87
CA ARG A 334 -9.43 15.85 -0.45
C ARG A 334 -9.81 15.82 1.03
N GLU A 335 -10.91 15.16 1.33
CA GLU A 335 -11.39 15.02 2.68
C GLU A 335 -10.35 14.33 3.56
N ARG A 336 -10.11 14.91 4.73
CA ARG A 336 -9.17 14.31 5.68
C ARG A 336 -10.07 13.55 6.65
N SER A 337 -9.81 12.27 6.82
CA SER A 337 -10.62 11.43 7.69
C SER A 337 -9.82 10.78 8.80
N THR A 338 -10.50 10.49 9.91
CA THR A 338 -9.86 9.86 11.07
C THR A 338 -10.14 8.35 11.06
N ASN A 339 -9.07 7.57 11.13
CA ASN A 339 -9.17 6.11 11.13
C ASN A 339 -9.73 5.51 9.85
N ASP A 340 -9.54 6.24 8.75
CA ASP A 340 -9.95 5.78 7.43
C ASP A 340 -9.08 4.53 7.22
N LEU A 341 -9.68 3.43 6.73
CA LEU A 341 -8.92 2.20 6.56
C LEU A 341 -7.63 2.31 5.76
N HIS A 342 -7.53 3.28 4.85
CA HIS A 342 -6.30 3.46 4.09
C HIS A 342 -5.17 3.71 5.07
N GLY A 343 -5.43 4.61 6.02
CA GLY A 343 -4.45 4.97 7.02
C GLY A 343 -4.26 3.98 8.13
N ALA A 344 -5.33 3.30 8.54
CA ALA A 344 -5.23 2.31 9.61
C ALA A 344 -4.36 1.14 9.17
N GLY A 345 -4.55 0.71 7.93
CA GLY A 345 -3.76 -0.40 7.41
C GLY A 345 -2.30 -0.02 7.29
N ALA A 346 -2.05 1.18 6.76
CA ALA A 346 -0.69 1.68 6.59
C ALA A 346 0.02 1.84 7.94
N PHE A 347 -0.73 2.36 8.93
CA PHE A 347 -0.21 2.59 10.26
C PHE A 347 0.22 1.29 10.94
N ILE A 348 -0.68 0.33 10.97
CA ILE A 348 -0.41 -0.95 11.58
C ILE A 348 0.76 -1.66 10.88
N LEU A 349 0.74 -1.66 9.55
CA LEU A 349 1.81 -2.29 8.79
C LEU A 349 3.16 -1.66 9.12
N ALA A 350 3.20 -0.33 9.16
CA ALA A 350 4.43 0.39 9.49
C ALA A 350 4.94 0.03 10.88
N MET A 351 4.04 -0.07 11.84
CA MET A 351 4.43 -0.42 13.20
C MET A 351 5.09 -1.80 13.28
N THR A 352 4.62 -2.75 12.46
CA THR A 352 5.20 -4.09 12.48
C THR A 352 6.62 -4.17 11.94
N GLU A 353 6.98 -3.27 11.02
CA GLU A 353 8.34 -3.27 10.47
C GLU A 353 9.23 -2.34 11.29
N LEU A 354 8.60 -1.41 12.00
CA LEU A 354 9.33 -0.46 12.81
C LEU A 354 9.82 -1.08 14.13
N GLU A 355 8.94 -1.83 14.77
CA GLU A 355 9.23 -2.49 16.05
C GLU A 355 10.67 -3.03 16.14
N PRO A 356 11.05 -3.95 15.24
CA PRO A 356 12.40 -4.54 15.25
C PRO A 356 13.52 -3.51 15.33
N LEU A 357 13.44 -2.48 14.50
CA LEU A 357 14.45 -1.43 14.49
C LEU A 357 14.44 -0.63 15.77
N PHE A 358 13.24 -0.39 16.28
CA PHE A 358 13.04 0.36 17.52
C PHE A 358 13.73 -0.33 18.69
N ARG A 359 13.65 -1.67 18.72
CA ARG A 359 14.24 -2.46 19.78
C ARG A 359 15.74 -2.73 19.66
N SER A 360 16.29 -2.59 18.47
CA SER A 360 17.72 -2.82 18.26
C SER A 360 18.46 -1.49 18.10
N ALA A 361 17.73 -0.39 18.21
CA ALA A 361 18.32 0.94 18.09
C ALA A 361 19.43 1.18 19.11
N GLY A 362 20.59 1.61 18.62
CA GLY A 362 21.72 1.87 19.49
C GLY A 362 22.72 0.73 19.54
N LYS A 363 22.29 -0.45 19.11
CA LYS A 363 23.13 -1.64 19.12
C LYS A 363 24.18 -1.60 18.00
#